data_5Y2U
#
_entry.id   5Y2U
#
_cell.length_a   82.640
_cell.length_b   85.267
_cell.length_c   102.466
_cell.angle_alpha   90.000
_cell.angle_beta   90.000
_cell.angle_gamma   90.000
#
_symmetry.space_group_name_H-M   'P 21 21 21'
#
loop_
_entity.id
_entity.type
_entity.pdbx_description
1 polymer 'Phosphoglycerate mutase 1'
2 non-polymer 'CHLORIDE ION'
3 non-polymer 'ALIZARIN RED'
4 non-polymer '2-(N-MORPHOLINO)-ETHANESULFONIC ACID'
5 water water
#
_entity_poly.entity_id   1
_entity_poly.type   'polypeptide(L)'
_entity_poly.pdbx_seq_one_letter_code
;MAAYKLVLIRHGESAWNLENRFSGWYDADLSPAGHEEAKRGGQALRDAGYEFDICFTSVQKRAIRTLWTVLDAIDQMWLP
VVRTWRLNERHYGGLTGLNKAETAAKHGEAQVKIWRRSYDVPPPPMEPDHPFYSNISKDRRYADLTEDQLPSCESLKDTI
ARALPFWNEEIVPQIKEGKRVLIAAHGNSLRGIVKHLEGLSEEAIMELNLPTGIPIVYELDKNLKPIKPMQFLGDEETVR
KAMEAVAAQGKAKKLEHHHHHH
;
_entity_poly.pdbx_strand_id   B,C
#
loop_
_chem_comp.id
_chem_comp.type
_chem_comp.name
_chem_comp.formula
AZN non-polymer 'ALIZARIN RED' 'C14 H8 O7 S'
CL non-polymer 'CHLORIDE ION' 'Cl -1'
MES non-polymer '2-(N-MORPHOLINO)-ETHANESULFONIC ACID' 'C6 H13 N O4 S'
#
# COMPACT_ATOMS: atom_id res chain seq x y z
N ALA A 3 -17.07 9.21 -20.05
CA ALA A 3 -17.27 7.77 -20.03
C ALA A 3 -16.37 7.14 -18.95
N TYR A 4 -16.09 7.90 -17.90
CA TYR A 4 -15.18 7.45 -16.85
C TYR A 4 -15.78 6.31 -16.05
N LYS A 5 -14.93 5.49 -15.46
CA LYS A 5 -15.39 4.41 -14.61
C LYS A 5 -14.73 4.58 -13.25
N LEU A 6 -15.55 4.59 -12.21
CA LEU A 6 -15.10 4.73 -10.82
C LEU A 6 -15.52 3.51 -10.05
N VAL A 7 -14.64 2.95 -9.22
CA VAL A 7 -15.07 1.81 -8.41
C VAL A 7 -14.91 2.13 -6.92
N LEU A 8 -15.96 1.84 -6.15
CA LEU A 8 -15.92 1.98 -4.70
C LEU A 8 -15.99 0.61 -4.06
N ILE A 9 -15.37 0.45 -2.90
CA ILE A 9 -15.57 -0.77 -2.15
C ILE A 9 -15.58 -0.44 -0.65
N ARG A 10 -16.60 -0.96 0.00
CA ARG A 10 -16.79 -0.78 1.42
C ARG A 10 -16.28 -2.04 2.12
N HIS A 11 -15.47 -1.85 3.16
CA HIS A 11 -14.92 -3.01 3.84
C HIS A 11 -16.01 -3.81 4.56
N GLY A 12 -15.72 -5.07 4.80
CA GLY A 12 -16.64 -5.94 5.49
C GLY A 12 -16.40 -5.98 6.99
N GLU A 13 -16.76 -7.11 7.57
CA GLU A 13 -16.81 -7.30 9.02
C GLU A 13 -15.46 -7.10 9.73
N SER A 14 -15.50 -6.39 10.84
CA SER A 14 -14.31 -6.19 11.66
C SER A 14 -14.34 -7.08 12.91
N ALA A 15 -13.19 -7.21 13.57
CA ALA A 15 -13.07 -8.07 14.73
C ALA A 15 -14.02 -7.70 15.86
N TRP A 16 -14.32 -8.70 16.69
CA TRP A 16 -15.07 -8.49 17.95
C TRP A 16 -16.43 -7.82 17.72
N ASN A 17 -17.03 -8.06 16.55
CA ASN A 17 -18.35 -7.53 16.22
C ASN A 17 -18.36 -6.00 16.30
N LEU A 18 -17.20 -5.40 16.07
CA LEU A 18 -17.10 -3.94 16.22
C LEU A 18 -17.89 -3.15 15.20
N GLU A 19 -18.31 -3.75 14.07
CA GLU A 19 -19.11 -2.94 13.14
C GLU A 19 -20.54 -2.79 13.68
N ASN A 20 -20.88 -3.56 14.71
CA ASN A 20 -22.18 -3.34 15.37
C ASN A 20 -21.99 -2.70 16.72
N ARG A 21 -20.81 -2.10 16.89
CA ARG A 21 -20.44 -1.43 18.14
C ARG A 21 -19.83 -0.06 17.88
N PHE A 22 -20.33 0.62 16.85
CA PHE A 22 -19.86 1.96 16.48
C PHE A 22 -18.34 2.00 16.44
N SER A 23 -17.73 1.16 15.59
CA SER A 23 -16.26 1.07 15.54
C SER A 23 -15.67 2.48 15.32
N GLY A 24 -16.24 3.25 14.40
CA GLY A 24 -15.79 4.63 14.22
C GLY A 24 -14.30 4.81 13.96
N TRP A 25 -13.64 5.66 14.74
CA TRP A 25 -12.20 5.86 14.57
C TRP A 25 -11.31 4.86 15.32
N TYR A 26 -11.90 3.92 16.04
CA TYR A 26 -11.09 2.84 16.61
C TYR A 26 -10.57 1.95 15.47
N ASP A 27 -9.27 1.62 15.52
CA ASP A 27 -8.61 0.96 14.39
C ASP A 27 -8.79 -0.56 14.44
N ALA A 28 -10.04 -1.00 14.36
CA ALA A 28 -10.33 -2.44 14.40
C ALA A 28 -9.87 -3.12 13.11
N ASP A 29 -9.33 -4.32 13.25
CA ASP A 29 -8.95 -5.09 12.06
C ASP A 29 -10.15 -5.81 11.48
N LEU A 30 -10.03 -6.27 10.24
CA LEU A 30 -11.00 -7.19 9.66
C LEU A 30 -11.03 -8.48 10.45
N SER A 31 -12.20 -9.10 10.53
CA SER A 31 -12.31 -10.48 10.98
C SER A 31 -11.92 -11.38 9.81
N PRO A 32 -11.70 -12.68 10.06
CA PRO A 32 -11.49 -13.57 8.90
C PRO A 32 -12.62 -13.49 7.89
N ALA A 33 -13.86 -13.42 8.37
CA ALA A 33 -15.01 -13.22 7.48
C ALA A 33 -14.90 -11.96 6.61
N GLY A 34 -14.50 -10.83 7.22
CA GLY A 34 -14.35 -9.59 6.46
C GLY A 34 -13.27 -9.68 5.42
N HIS A 35 -12.19 -10.38 5.78
CA HIS A 35 -11.10 -10.60 4.86
C HIS A 35 -11.57 -11.45 3.67
N GLU A 36 -12.31 -12.53 3.95
CA GLU A 36 -12.87 -13.37 2.89
C GLU A 36 -13.80 -12.59 1.98
N GLU A 37 -14.61 -11.70 2.56
CA GLU A 37 -15.45 -10.81 1.75
C GLU A 37 -14.60 -10.00 0.79
N ALA A 38 -13.51 -9.42 1.31
CA ALA A 38 -12.68 -8.59 0.44
C ALA A 38 -12.08 -9.44 -0.67
N LYS A 39 -11.70 -10.66 -0.34
CA LYS A 39 -11.18 -11.56 -1.38
C LYS A 39 -12.21 -11.85 -2.46
N ARG A 40 -13.47 -12.03 -2.06
CA ARG A 40 -14.52 -12.27 -3.05
C ARG A 40 -14.73 -11.06 -3.94
N GLY A 41 -14.71 -9.87 -3.34
CA GLY A 41 -14.83 -8.66 -4.13
C GLY A 41 -13.70 -8.53 -5.15
N GLY A 42 -12.49 -8.82 -4.69
CA GLY A 42 -11.33 -8.76 -5.56
C GLY A 42 -11.42 -9.77 -6.69
N GLN A 43 -11.95 -10.96 -6.39
CA GLN A 43 -12.10 -11.99 -7.41
C GLN A 43 -13.14 -11.56 -8.43
N ALA A 44 -14.18 -10.85 -8.00
CA ALA A 44 -15.16 -10.31 -8.94
C ALA A 44 -14.51 -9.29 -9.89
N LEU A 45 -13.70 -8.40 -9.32
CA LEU A 45 -13.01 -7.43 -10.16
C LEU A 45 -12.04 -8.11 -11.13
N ARG A 46 -11.35 -9.16 -10.67
CA ARG A 46 -10.45 -9.92 -11.52
C ARG A 46 -11.18 -10.60 -12.67
N ASP A 47 -12.31 -11.22 -12.37
CA ASP A 47 -13.09 -11.92 -13.37
C ASP A 47 -13.62 -10.92 -14.40
N ALA A 48 -13.91 -9.71 -13.95
CA ALA A 48 -14.44 -8.72 -14.88
C ALA A 48 -13.33 -7.98 -15.65
N GLY A 49 -12.07 -8.26 -15.30
CA GLY A 49 -10.95 -7.68 -16.03
C GLY A 49 -10.66 -6.22 -15.75
N TYR A 50 -11.01 -5.76 -14.55
CA TYR A 50 -10.84 -4.35 -14.23
C TYR A 50 -9.38 -3.94 -14.04
N GLU A 51 -9.02 -2.78 -14.56
CA GLU A 51 -7.71 -2.19 -14.35
C GLU A 51 -7.87 -0.84 -13.68
N PHE A 52 -6.98 -0.54 -12.75
CA PHE A 52 -6.98 0.75 -12.11
C PHE A 52 -5.62 1.42 -12.33
N ASP A 53 -5.56 2.72 -12.06
CA ASP A 53 -4.32 3.47 -12.20
C ASP A 53 -3.91 4.09 -10.86
N ILE A 54 -4.89 4.24 -9.96
CA ILE A 54 -4.59 4.80 -8.65
C ILE A 54 -5.67 4.43 -7.62
N CYS A 55 -5.23 4.28 -6.37
CA CYS A 55 -6.13 3.84 -5.30
C CYS A 55 -6.15 4.82 -4.13
N PHE A 56 -7.34 5.05 -3.57
CA PHE A 56 -7.47 5.88 -2.39
C PHE A 56 -8.12 5.08 -1.28
N THR A 57 -7.63 5.29 -0.06
CA THR A 57 -8.21 4.60 1.08
C THR A 57 -8.04 5.48 2.31
N SER A 58 -8.55 5.01 3.45
CA SER A 58 -8.44 5.79 4.69
C SER A 58 -7.11 5.47 5.36
N VAL A 59 -6.96 5.88 6.62
CA VAL A 59 -5.80 5.47 7.41
C VAL A 59 -6.21 4.40 8.43
N GLN A 60 -7.35 3.76 8.24
CA GLN A 60 -7.81 2.72 9.15
C GLN A 60 -7.55 1.35 8.55
N LYS A 61 -6.95 0.47 9.35
CA LYS A 61 -6.41 -0.76 8.78
C LYS A 61 -7.47 -1.67 8.18
N ARG A 62 -8.74 -1.59 8.60
CA ARG A 62 -9.74 -2.49 7.97
C ARG A 62 -10.00 -2.13 6.50
N ALA A 63 -9.95 -0.83 6.20
CA ALA A 63 -10.06 -0.37 4.80
C ALA A 63 -8.77 -0.64 4.03
N ILE A 64 -7.62 -0.32 4.65
CA ILE A 64 -6.34 -0.59 3.99
C ILE A 64 -6.18 -2.08 3.65
N ARG A 65 -6.57 -2.96 4.57
CA ARG A 65 -6.42 -4.38 4.35
C ARG A 65 -7.40 -4.86 3.29
N THR A 66 -8.60 -4.25 3.28
CA THR A 66 -9.52 -4.53 2.17
C THR A 66 -8.90 -4.20 0.81
N LEU A 67 -8.31 -3.02 0.69
CA LEU A 67 -7.64 -2.62 -0.53
C LEU A 67 -6.50 -3.59 -0.90
N TRP A 68 -5.63 -3.90 0.04
CA TRP A 68 -4.53 -4.84 -0.19
C TRP A 68 -5.01 -6.20 -0.70
N THR A 69 -6.08 -6.69 -0.09
CA THR A 69 -6.67 -7.96 -0.51
C THR A 69 -7.16 -7.87 -1.97
N VAL A 70 -7.82 -6.77 -2.28
CA VAL A 70 -8.29 -6.55 -3.65
C VAL A 70 -7.13 -6.44 -4.65
N LEU A 71 -6.11 -5.65 -4.32
CA LEU A 71 -4.99 -5.46 -5.24
C LEU A 71 -4.25 -6.78 -5.46
N ASP A 72 -4.11 -7.55 -4.39
CA ASP A 72 -3.54 -8.89 -4.49
C ASP A 72 -4.35 -9.76 -5.45
N ALA A 73 -5.66 -9.80 -5.27
CA ALA A 73 -6.51 -10.65 -6.13
C ALA A 73 -6.47 -10.25 -7.61
N ILE A 74 -6.35 -8.95 -7.90
CA ILE A 74 -6.37 -8.49 -9.28
C ILE A 74 -4.94 -8.29 -9.83
N ASP A 75 -3.92 -8.68 -9.06
CA ASP A 75 -2.52 -8.58 -9.50
C ASP A 75 -2.13 -7.15 -9.89
N GLN A 76 -2.55 -6.18 -9.07
CA GLN A 76 -2.15 -4.81 -9.29
C GLN A 76 -1.61 -4.21 -7.99
N MET A 77 -0.78 -4.98 -7.30
CA MET A 77 -0.12 -4.54 -6.07
C MET A 77 0.85 -3.39 -6.33
N TRP A 78 1.23 -3.22 -7.60
CA TRP A 78 2.16 -2.15 -7.97
C TRP A 78 1.50 -0.76 -8.08
N LEU A 79 0.18 -0.69 -8.01
CA LEU A 79 -0.50 0.60 -8.12
C LEU A 79 -0.14 1.59 -7.03
N PRO A 80 -0.10 2.88 -7.40
CA PRO A 80 0.05 3.92 -6.37
C PRO A 80 -1.16 3.94 -5.45
N VAL A 81 -0.88 4.06 -4.16
CA VAL A 81 -1.92 4.06 -3.14
C VAL A 81 -1.80 5.36 -2.34
N VAL A 82 -2.93 6.04 -2.14
CA VAL A 82 -2.97 7.25 -1.33
C VAL A 82 -3.92 7.02 -0.16
N ARG A 83 -3.42 7.24 1.05
CA ARG A 83 -4.19 7.09 2.29
C ARG A 83 -4.55 8.47 2.84
N THR A 84 -5.76 8.62 3.39
CA THR A 84 -6.09 9.89 4.03
C THR A 84 -7.08 9.70 5.18
N TRP A 85 -6.86 10.42 6.29
CA TRP A 85 -7.82 10.42 7.39
C TRP A 85 -9.18 10.96 6.93
N ARG A 86 -9.19 11.73 5.85
CA ARG A 86 -10.45 12.32 5.38
C ARG A 86 -11.43 11.26 4.87
N LEU A 87 -10.96 10.05 4.60
CA LEU A 87 -11.89 8.97 4.21
C LEU A 87 -12.23 8.02 5.37
N ASN A 88 -11.74 8.35 6.55
CA ASN A 88 -12.07 7.57 7.74
C ASN A 88 -13.58 7.43 7.95
N GLU A 89 -13.96 6.35 8.61
CA GLU A 89 -15.30 6.17 9.15
C GLU A 89 -15.73 7.38 10.00
N ARG A 90 -17.02 7.57 10.10
CA ARG A 90 -17.62 8.55 11.01
C ARG A 90 -17.09 8.37 12.43
N HIS A 91 -16.77 9.46 13.11
CA HIS A 91 -16.32 9.38 14.50
C HIS A 91 -17.53 9.37 15.42
N TYR A 92 -17.76 8.27 16.12
CA TYR A 92 -18.98 8.09 16.90
C TYR A 92 -18.85 8.53 18.33
N GLY A 93 -17.77 9.25 18.62
CA GLY A 93 -17.60 9.89 19.91
C GLY A 93 -17.69 8.93 21.07
N GLY A 94 -18.38 9.33 22.14
CA GLY A 94 -18.50 8.51 23.33
C GLY A 94 -19.18 7.15 23.14
N LEU A 95 -19.94 7.01 22.06
CA LEU A 95 -20.60 5.75 21.75
C LEU A 95 -19.66 4.67 21.19
N THR A 96 -18.49 5.11 20.76
CA THR A 96 -17.53 4.21 20.12
C THR A 96 -17.23 2.99 20.98
N GLY A 97 -17.43 1.80 20.42
CA GLY A 97 -17.17 0.59 21.16
C GLY A 97 -18.41 0.02 21.83
N LEU A 98 -19.47 0.80 21.96
CA LEU A 98 -20.67 0.31 22.65
C LEU A 98 -21.62 -0.46 21.71
N ASN A 99 -22.25 -1.51 22.22
CA ASN A 99 -23.26 -2.19 21.44
C ASN A 99 -24.60 -1.46 21.61
N LYS A 100 -25.63 -1.94 20.92
CA LYS A 100 -26.96 -1.32 20.91
C LYS A 100 -27.57 -1.22 22.30
N ALA A 101 -27.52 -2.33 23.03
CA ALA A 101 -28.07 -2.40 24.38
C ALA A 101 -27.37 -1.41 25.32
N GLU A 102 -26.05 -1.37 25.27
CA GLU A 102 -25.28 -0.48 26.15
C GLU A 102 -25.59 0.99 25.82
N THR A 103 -25.77 1.27 24.53
CA THR A 103 -26.05 2.61 24.08
C THR A 103 -27.41 3.06 24.61
N ALA A 104 -28.42 2.22 24.42
CA ALA A 104 -29.75 2.56 24.89
C ALA A 104 -29.83 2.64 26.42
N ALA A 105 -29.11 1.77 27.12
CA ALA A 105 -29.03 1.82 28.58
C ALA A 105 -28.43 3.13 29.07
N LYS A 106 -27.39 3.58 28.38
CA LYS A 106 -26.68 4.76 28.83
C LYS A 106 -27.40 6.06 28.46
N HIS A 107 -28.04 6.12 27.31
CA HIS A 107 -28.57 7.41 26.85
C HIS A 107 -30.09 7.46 26.71
N GLY A 108 -30.73 6.29 26.73
CA GLY A 108 -32.17 6.17 26.58
C GLY A 108 -32.61 5.99 25.14
N GLU A 109 -33.76 5.36 24.96
CA GLU A 109 -34.24 5.08 23.61
C GLU A 109 -34.61 6.35 22.85
N ALA A 110 -35.15 7.34 23.55
CA ALA A 110 -35.59 8.55 22.88
C ALA A 110 -34.43 9.25 22.19
N GLN A 111 -33.35 9.41 22.94
CA GLN A 111 -32.19 10.13 22.42
C GLN A 111 -31.53 9.33 21.30
N VAL A 112 -31.51 8.00 21.45
CA VAL A 112 -30.97 7.14 20.40
C VAL A 112 -31.78 7.28 19.11
N LYS A 113 -33.10 7.39 19.23
CA LYS A 113 -33.95 7.56 18.07
C LYS A 113 -33.61 8.88 17.38
N ILE A 114 -33.42 9.91 18.19
CA ILE A 114 -33.04 11.19 17.64
C ILE A 114 -31.70 11.13 16.88
N TRP A 115 -30.67 10.54 17.48
CA TRP A 115 -29.36 10.46 16.83
C TRP A 115 -29.38 9.66 15.55
N ARG A 116 -30.00 8.49 15.64
CA ARG A 116 -30.16 7.59 14.53
C ARG A 116 -30.75 8.32 13.34
N ARG A 117 -31.73 9.19 13.63
CA ARG A 117 -32.51 9.80 12.56
C ARG A 117 -32.01 11.20 12.17
N SER A 118 -30.97 11.67 12.83
CA SER A 118 -30.52 13.05 12.63
C SER A 118 -29.28 13.21 11.72
N TYR A 119 -29.29 14.22 10.85
CA TYR A 119 -28.18 14.45 9.93
C TYR A 119 -27.10 15.31 10.55
N ASP A 120 -27.50 16.19 11.48
CA ASP A 120 -26.58 17.22 11.95
C ASP A 120 -26.36 17.23 13.46
N VAL A 121 -26.90 16.24 14.15
CA VAL A 121 -26.61 16.12 15.57
C VAL A 121 -25.53 15.10 15.82
N PRO A 122 -24.43 15.51 16.46
CA PRO A 122 -23.36 14.58 16.80
C PRO A 122 -23.70 13.77 18.06
N PRO A 123 -23.04 12.62 18.24
CA PRO A 123 -23.12 11.91 19.51
C PRO A 123 -22.29 12.68 20.55
N PRO A 124 -22.37 12.29 21.83
CA PRO A 124 -21.55 12.98 22.83
C PRO A 124 -20.07 12.80 22.52
N PRO A 125 -19.23 13.74 22.99
CA PRO A 125 -17.81 13.65 22.68
C PRO A 125 -17.15 12.47 23.41
N MET A 126 -16.08 11.96 22.81
CA MET A 126 -15.29 10.96 23.48
C MET A 126 -14.45 11.67 24.55
N GLU A 127 -14.77 11.41 25.81
CA GLU A 127 -14.15 12.07 26.98
C GLU A 127 -12.90 11.30 27.43
N PRO A 128 -12.06 11.91 28.29
CA PRO A 128 -10.84 11.21 28.74
C PRO A 128 -11.07 9.89 29.49
N ASP A 129 -12.27 9.66 30.01
CA ASP A 129 -12.51 8.39 30.70
C ASP A 129 -12.88 7.26 29.75
N HIS A 130 -13.05 7.60 28.48
CA HIS A 130 -13.40 6.58 27.51
C HIS A 130 -12.20 5.66 27.27
N PRO A 131 -12.44 4.34 27.16
CA PRO A 131 -11.34 3.40 26.97
C PRO A 131 -10.53 3.65 25.70
N PHE A 132 -11.10 4.32 24.70
CA PHE A 132 -10.37 4.56 23.46
C PHE A 132 -9.81 5.98 23.36
N TYR A 133 -9.93 6.78 24.42
CA TYR A 133 -9.60 8.21 24.29
C TYR A 133 -8.14 8.51 23.89
N SER A 134 -7.17 7.99 24.64
CA SER A 134 -5.78 8.24 24.30
C SER A 134 -5.36 7.45 23.08
N ASN A 135 -5.90 6.23 22.96
CA ASN A 135 -5.66 5.36 21.82
C ASN A 135 -5.92 6.03 20.47
N ILE A 136 -7.00 6.81 20.40
CA ILE A 136 -7.35 7.49 19.16
C ILE A 136 -6.79 8.92 19.11
N SER A 137 -7.11 9.74 20.12
CA SER A 137 -6.72 11.15 20.06
C SER A 137 -5.21 11.38 20.07
N LYS A 138 -4.44 10.47 20.67
CA LYS A 138 -2.98 10.61 20.67
C LYS A 138 -2.26 9.66 19.71
N ASP A 139 -3.03 9.02 18.83
CA ASP A 139 -2.44 8.18 17.80
C ASP A 139 -1.61 9.04 16.83
N ARG A 140 -0.40 8.57 16.58
CA ARG A 140 0.60 9.29 15.80
C ARG A 140 0.15 9.59 14.37
N ARG A 141 -0.76 8.78 13.84
CA ARG A 141 -1.23 9.02 12.47
C ARG A 141 -2.03 10.32 12.37
N TYR A 142 -2.51 10.85 13.50
CA TYR A 142 -3.26 12.10 13.46
C TYR A 142 -2.47 13.29 14.01
N ALA A 143 -1.16 13.12 14.16
CA ALA A 143 -0.35 14.12 14.86
C ALA A 143 -0.26 15.44 14.08
N ASP A 144 -0.45 15.40 12.76
CA ASP A 144 -0.42 16.62 11.97
C ASP A 144 -1.77 17.36 11.90
N LEU A 145 -2.83 16.78 12.47
CA LEU A 145 -4.13 17.42 12.43
C LEU A 145 -4.17 18.55 13.48
N THR A 146 -4.84 19.64 13.13
CA THR A 146 -5.03 20.76 14.05
C THR A 146 -6.16 20.42 15.04
N GLU A 147 -6.29 21.20 16.11
CA GLU A 147 -7.35 20.94 17.11
C GLU A 147 -8.74 20.87 16.47
N ASP A 148 -8.99 21.73 15.50
CA ASP A 148 -10.30 21.75 14.86
C ASP A 148 -10.53 20.55 13.92
N GLN A 149 -9.44 19.93 13.45
CA GLN A 149 -9.55 18.84 12.48
C GLN A 149 -9.78 17.48 13.13
N LEU A 150 -9.18 17.27 14.29
CA LEU A 150 -9.29 16.00 14.99
C LEU A 150 -10.61 15.98 15.75
N PRO A 151 -11.55 15.11 15.32
CA PRO A 151 -12.87 15.15 15.97
C PRO A 151 -12.88 14.46 17.32
N SER A 152 -13.79 14.90 18.19
CA SER A 152 -14.07 14.16 19.41
C SER A 152 -15.37 13.39 19.15
N CYS A 153 -16.06 13.78 18.08
CA CYS A 153 -17.35 13.21 17.70
C CYS A 153 -17.73 13.84 16.37
N GLU A 154 -18.58 13.15 15.60
CA GLU A 154 -19.04 13.69 14.33
C GLU A 154 -20.51 13.41 14.07
N SER A 155 -21.24 14.41 13.61
CA SER A 155 -22.49 14.17 12.92
C SER A 155 -22.18 13.59 11.55
N LEU A 156 -23.18 13.04 10.86
CA LEU A 156 -22.96 12.59 9.49
C LEU A 156 -22.56 13.78 8.61
N LYS A 157 -23.18 14.92 8.88
CA LYS A 157 -22.85 16.17 8.21
C LYS A 157 -21.37 16.50 8.33
N ASP A 158 -20.83 16.38 9.54
CA ASP A 158 -19.40 16.57 9.79
C ASP A 158 -18.53 15.62 8.95
N THR A 159 -18.89 14.34 8.97
CA THR A 159 -18.11 13.32 8.27
C THR A 159 -18.02 13.66 6.79
N ILE A 160 -19.19 13.93 6.19
CA ILE A 160 -19.24 14.28 4.78
C ILE A 160 -18.47 15.57 4.49
N ALA A 161 -18.60 16.52 5.41
CA ALA A 161 -17.93 17.81 5.26
C ALA A 161 -16.42 17.64 5.21
N ARG A 162 -15.85 16.68 5.94
CA ARG A 162 -14.40 16.56 5.85
C ARG A 162 -13.96 15.56 4.78
N ALA A 163 -14.87 14.72 4.30
CA ALA A 163 -14.51 13.83 3.20
C ALA A 163 -14.47 14.56 1.86
N LEU A 164 -15.43 15.46 1.63
CA LEU A 164 -15.58 16.03 0.30
C LEU A 164 -14.42 16.94 -0.20
N PRO A 165 -13.76 17.70 0.70
CA PRO A 165 -12.54 18.39 0.28
C PRO A 165 -11.49 17.49 -0.35
N PHE A 166 -11.31 16.28 0.17
CA PHE A 166 -10.36 15.35 -0.43
C PHE A 166 -10.87 14.87 -1.78
N TRP A 167 -12.16 14.57 -1.87
CA TRP A 167 -12.76 14.19 -3.14
C TRP A 167 -12.47 15.26 -4.20
N ASN A 168 -12.79 16.52 -3.89
CA ASN A 168 -12.62 17.61 -4.84
C ASN A 168 -11.17 17.92 -5.18
N GLU A 169 -10.30 17.94 -4.18
CA GLU A 169 -8.91 18.34 -4.35
C GLU A 169 -7.97 17.24 -4.85
N GLU A 170 -8.24 15.98 -4.51
CA GLU A 170 -7.29 14.93 -4.85
C GLU A 170 -7.82 13.88 -5.80
N ILE A 171 -9.10 13.55 -5.70
CA ILE A 171 -9.64 12.44 -6.48
C ILE A 171 -10.20 12.89 -7.83
N VAL A 172 -11.01 13.95 -7.81
CA VAL A 172 -11.61 14.51 -9.03
C VAL A 172 -10.58 14.80 -10.13
N PRO A 173 -9.46 15.48 -9.79
CA PRO A 173 -8.45 15.74 -10.83
C PRO A 173 -7.90 14.49 -11.48
N GLN A 174 -7.75 13.40 -10.73
CA GLN A 174 -7.26 12.15 -11.30
C GLN A 174 -8.28 11.55 -12.25
N ILE A 175 -9.55 11.63 -11.87
CA ILE A 175 -10.61 11.10 -12.71
C ILE A 175 -10.66 11.88 -14.03
N LYS A 176 -10.52 13.20 -13.94
CA LYS A 176 -10.54 14.04 -15.14
C LYS A 176 -9.30 13.88 -16.03
N GLU A 177 -8.21 13.40 -15.45
CA GLU A 177 -7.03 13.03 -16.24
C GLU A 177 -7.20 11.67 -16.89
N GLY A 178 -8.31 10.99 -16.60
CA GLY A 178 -8.55 9.70 -17.19
C GLY A 178 -8.02 8.52 -16.40
N LYS A 179 -7.48 8.78 -15.21
CA LYS A 179 -6.98 7.70 -14.36
C LYS A 179 -8.17 6.91 -13.82
N ARG A 180 -8.05 5.59 -13.86
CA ARG A 180 -9.11 4.73 -13.38
C ARG A 180 -8.96 4.51 -11.88
N VAL A 181 -9.92 5.05 -11.11
CA VAL A 181 -9.80 5.13 -9.66
C VAL A 181 -10.51 4.01 -8.92
N LEU A 182 -9.80 3.49 -7.92
CA LEU A 182 -10.41 2.59 -6.95
C LEU A 182 -10.38 3.27 -5.58
N ILE A 183 -11.53 3.31 -4.90
CA ILE A 183 -11.60 3.83 -3.53
C ILE A 183 -12.04 2.73 -2.57
N ALA A 184 -11.20 2.43 -1.57
CA ALA A 184 -11.55 1.46 -0.56
C ALA A 184 -11.78 2.17 0.76
N ALA A 185 -13.03 2.24 1.21
CA ALA A 185 -13.27 3.00 2.44
C ALA A 185 -14.41 2.47 3.28
N HIS A 186 -15.13 3.40 3.90
CA HIS A 186 -16.07 3.04 4.96
C HIS A 186 -17.48 3.48 4.61
N GLY A 187 -18.48 2.94 5.32
CA GLY A 187 -19.87 3.27 5.06
C GLY A 187 -20.17 4.76 4.92
N ASN A 188 -19.79 5.54 5.91
CA ASN A 188 -20.18 6.96 5.90
C ASN A 188 -19.31 7.86 5.02
N SER A 189 -18.01 7.56 4.89
CA SER A 189 -17.21 8.36 3.97
C SER A 189 -17.66 8.08 2.51
N LEU A 190 -17.97 6.82 2.22
CA LEU A 190 -18.49 6.48 0.90
C LEU A 190 -19.88 7.10 0.69
N ARG A 191 -20.68 7.19 1.76
CA ARG A 191 -21.94 7.94 1.72
C ARG A 191 -21.71 9.36 1.27
N GLY A 192 -20.68 10.00 1.81
CA GLY A 192 -20.38 11.36 1.37
C GLY A 192 -20.14 11.46 -0.13
N ILE A 193 -19.33 10.52 -0.63
CA ILE A 193 -19.06 10.51 -2.07
C ILE A 193 -20.34 10.27 -2.89
N VAL A 194 -21.15 9.29 -2.49
CA VAL A 194 -22.35 8.95 -3.23
C VAL A 194 -23.36 10.10 -3.21
N LYS A 195 -23.48 10.74 -2.05
CA LYS A 195 -24.37 11.89 -1.90
C LYS A 195 -23.96 12.99 -2.87
N HIS A 196 -22.66 13.25 -2.94
CA HIS A 196 -22.18 14.25 -3.87
C HIS A 196 -22.36 13.88 -5.34
N LEU A 197 -22.09 12.63 -5.69
CA LEU A 197 -22.20 12.18 -7.08
C LEU A 197 -23.65 12.23 -7.57
N GLU A 198 -24.57 11.74 -6.75
CA GLU A 198 -25.95 11.54 -7.18
C GLU A 198 -26.86 12.70 -6.77
N GLY A 199 -26.30 13.68 -6.07
CA GLY A 199 -27.06 14.82 -5.59
C GLY A 199 -28.21 14.43 -4.70
N LEU A 200 -27.96 13.57 -3.72
CA LEU A 200 -29.03 13.07 -2.88
C LEU A 200 -29.35 14.01 -1.73
N SER A 201 -30.56 13.89 -1.20
CA SER A 201 -30.97 14.65 -0.01
C SER A 201 -30.39 14.03 1.25
N GLU A 202 -30.47 14.76 2.36
CA GLU A 202 -29.95 14.29 3.64
C GLU A 202 -30.72 13.04 4.09
N GLU A 203 -32.01 13.05 3.87
CA GLU A 203 -32.87 11.96 4.26
C GLU A 203 -32.54 10.71 3.45
N ALA A 204 -32.37 10.90 2.14
CA ALA A 204 -32.03 9.79 1.25
C ALA A 204 -30.67 9.17 1.61
N ILE A 205 -29.67 10.02 1.87
CA ILE A 205 -28.33 9.50 2.14
C ILE A 205 -28.36 8.76 3.47
N MET A 206 -29.23 9.20 4.38
CA MET A 206 -29.31 8.49 5.65
C MET A 206 -30.01 7.16 5.50
N GLU A 207 -30.84 7.01 4.47
CA GLU A 207 -31.47 5.71 4.21
C GLU A 207 -30.62 4.75 3.37
N LEU A 208 -29.51 5.24 2.83
CA LEU A 208 -28.71 4.42 1.91
C LEU A 208 -27.67 3.58 2.65
N ASN A 209 -27.75 2.27 2.51
CA ASN A 209 -26.75 1.40 3.14
C ASN A 209 -25.99 0.64 2.07
N LEU A 210 -24.74 1.03 1.85
CA LEU A 210 -23.92 0.40 0.82
C LEU A 210 -23.54 -1.00 1.26
N PRO A 211 -23.61 -1.98 0.34
CA PRO A 211 -23.25 -3.35 0.66
C PRO A 211 -21.73 -3.48 0.88
N THR A 212 -21.32 -4.47 1.67
CA THR A 212 -19.91 -4.63 1.98
C THR A 212 -19.26 -5.67 1.07
N GLY A 213 -17.98 -5.49 0.79
CA GLY A 213 -17.20 -6.45 0.02
C GLY A 213 -17.56 -6.60 -1.44
N ILE A 214 -18.36 -5.68 -1.95
CA ILE A 214 -18.86 -5.77 -3.32
C ILE A 214 -18.38 -4.56 -4.08
N PRO A 215 -17.71 -4.77 -5.22
CA PRO A 215 -17.33 -3.61 -6.03
C PRO A 215 -18.57 -2.85 -6.46
N ILE A 216 -18.58 -1.54 -6.23
CA ILE A 216 -19.67 -0.67 -6.64
C ILE A 216 -19.17 0.16 -7.80
N VAL A 217 -19.82 0.04 -8.96
CA VAL A 217 -19.31 0.66 -10.18
C VAL A 217 -20.14 1.87 -10.65
N TYR A 218 -19.46 2.99 -10.82
CA TYR A 218 -20.04 4.19 -11.39
C TYR A 218 -19.51 4.47 -12.78
N GLU A 219 -20.41 4.89 -13.67
CA GLU A 219 -19.98 5.41 -14.96
C GLU A 219 -20.30 6.90 -14.99
N LEU A 220 -19.27 7.72 -15.18
CA LEU A 220 -19.44 9.15 -15.06
C LEU A 220 -19.21 9.85 -16.41
N ASP A 221 -19.99 10.89 -16.67
CA ASP A 221 -19.81 11.70 -17.86
C ASP A 221 -18.75 12.75 -17.60
N LYS A 222 -18.50 13.61 -18.59
CA LYS A 222 -17.41 14.56 -18.50
C LYS A 222 -17.60 15.59 -17.37
N ASN A 223 -18.81 15.65 -16.80
CA ASN A 223 -19.06 16.51 -15.64
C ASN A 223 -19.02 15.74 -14.31
N LEU A 224 -18.70 14.44 -14.39
CA LEU A 224 -18.61 13.54 -13.22
C LEU A 224 -20.00 13.30 -12.67
N LYS A 225 -20.98 13.33 -13.56
CA LYS A 225 -22.34 12.97 -13.22
C LYS A 225 -22.58 11.54 -13.69
N PRO A 226 -23.13 10.69 -12.81
CA PRO A 226 -23.42 9.31 -13.21
C PRO A 226 -24.36 9.29 -14.40
N ILE A 227 -24.15 8.37 -15.34
CA ILE A 227 -25.04 8.28 -16.50
C ILE A 227 -26.04 7.18 -16.29
N LYS A 228 -25.88 6.45 -15.18
CA LYS A 228 -26.78 5.34 -14.85
C LYS A 228 -26.69 5.06 -13.36
N PRO A 229 -27.61 4.23 -12.84
CA PRO A 229 -27.53 3.85 -11.43
C PRO A 229 -26.23 3.09 -11.11
N MET A 230 -25.82 3.15 -9.85
CA MET A 230 -24.68 2.37 -9.41
C MET A 230 -24.93 0.89 -9.69
N GLN A 231 -23.87 0.18 -10.09
CA GLN A 231 -23.98 -1.25 -10.38
C GLN A 231 -23.07 -2.05 -9.46
N PHE A 232 -23.51 -3.24 -9.09
CA PHE A 232 -22.72 -4.10 -8.22
C PHE A 232 -22.09 -5.24 -9.01
N LEU A 233 -20.85 -5.58 -8.67
CA LEU A 233 -20.09 -6.59 -9.40
C LEU A 233 -20.04 -7.91 -8.65
N GLY A 234 -20.21 -9.02 -9.35
CA GLY A 234 -20.14 -10.34 -8.74
C GLY A 234 -21.01 -11.35 -9.47
N ASP A 235 -21.19 -12.55 -8.91
CA ASP A 235 -22.09 -13.52 -9.56
C ASP A 235 -23.53 -13.02 -9.48
N GLU A 236 -24.41 -13.66 -10.26
CA GLU A 236 -25.80 -13.21 -10.39
C GLU A 236 -26.51 -13.11 -9.05
N GLU A 237 -26.33 -14.12 -8.21
CA GLU A 237 -26.97 -14.15 -6.90
C GLU A 237 -26.54 -12.96 -6.04
N THR A 238 -25.24 -12.93 -5.70
CA THR A 238 -24.65 -11.86 -4.89
C THR A 238 -25.11 -10.46 -5.32
N VAL A 239 -25.23 -10.25 -6.63
CA VAL A 239 -25.69 -8.98 -7.18
C VAL A 239 -27.08 -8.61 -6.64
N ALA B 2 22.65 9.72 16.43
CA ALA B 2 22.88 10.35 15.13
C ALA B 2 21.68 11.19 14.75
N ALA B 3 21.87 12.03 13.75
CA ALA B 3 20.79 12.90 13.29
C ALA B 3 19.65 12.09 12.69
N TYR B 4 20.00 11.10 11.86
CA TYR B 4 19.00 10.33 11.13
C TYR B 4 19.14 8.83 11.28
N LYS B 5 18.02 8.13 11.05
CA LYS B 5 17.98 6.68 11.08
C LYS B 5 17.34 6.14 9.79
N LEU B 6 18.01 5.23 9.09
CA LEU B 6 17.47 4.65 7.86
C LEU B 6 17.34 3.12 7.98
N VAL B 7 16.22 2.55 7.55
CA VAL B 7 16.12 1.09 7.60
C VAL B 7 15.86 0.50 6.22
N LEU B 8 16.65 -0.50 5.86
CA LEU B 8 16.52 -1.22 4.60
C LEU B 8 16.07 -2.64 4.88
N ILE B 9 15.34 -3.24 3.96
CA ILE B 9 15.05 -4.66 4.09
C ILE B 9 14.96 -5.29 2.71
N ARG B 10 15.67 -6.41 2.58
CA ARG B 10 15.71 -7.15 1.34
C ARG B 10 14.70 -8.28 1.45
N HIS B 11 13.88 -8.46 0.42
CA HIS B 11 12.85 -9.50 0.46
C HIS B 11 13.48 -10.89 0.48
N GLY B 12 12.74 -11.88 0.97
CA GLY B 12 13.29 -13.22 1.05
C GLY B 12 12.99 -14.03 -0.19
N GLU B 13 12.93 -15.34 -0.02
CA GLU B 13 12.83 -16.30 -1.11
C GLU B 13 11.57 -16.12 -1.98
N SER B 14 11.73 -16.15 -3.31
CA SER B 14 10.59 -16.08 -4.22
C SER B 14 10.26 -17.45 -4.78
N ALA B 15 9.10 -17.54 -5.42
CA ALA B 15 8.67 -18.77 -6.06
C ALA B 15 9.68 -19.23 -7.12
N TRP B 16 10.27 -18.29 -7.85
CA TRP B 16 11.31 -18.67 -8.81
C TRP B 16 12.67 -19.00 -8.21
N ASN B 17 12.98 -18.48 -7.02
CA ASN B 17 14.21 -18.92 -6.35
C ASN B 17 14.16 -20.42 -6.12
N LEU B 18 12.98 -20.94 -5.81
CA LEU B 18 12.85 -22.37 -5.55
C LEU B 18 13.10 -23.17 -6.82
N GLU B 19 12.86 -22.53 -7.97
CA GLU B 19 13.08 -23.11 -9.28
C GLU B 19 14.48 -22.85 -9.84
N ASN B 20 15.30 -22.07 -9.13
CA ASN B 20 16.65 -21.74 -9.57
C ASN B 20 16.57 -20.91 -10.84
N ARG B 21 15.49 -20.13 -11.03
CA ARG B 21 15.33 -19.37 -12.28
C ARG B 21 15.63 -17.90 -12.04
N PHE B 22 16.25 -17.25 -13.04
CA PHE B 22 16.50 -15.81 -13.01
C PHE B 22 15.19 -15.04 -13.06
N SER B 23 14.87 -14.24 -12.04
CA SER B 23 13.62 -13.48 -12.09
C SER B 23 13.82 -12.10 -12.72
N GLY B 24 14.74 -11.31 -12.16
CA GLY B 24 14.94 -9.97 -12.66
C GLY B 24 13.64 -9.19 -12.55
N TRP B 25 13.19 -8.63 -13.66
CA TRP B 25 11.96 -7.84 -13.67
C TRP B 25 10.71 -8.71 -13.75
N TYR B 26 10.86 -10.02 -13.87
CA TYR B 26 9.69 -10.88 -13.75
C TYR B 26 9.12 -10.77 -12.33
N ASP B 27 7.80 -10.61 -12.25
CA ASP B 27 7.15 -10.30 -10.97
C ASP B 27 6.78 -11.55 -10.16
N ALA B 28 7.79 -12.32 -9.79
CA ALA B 28 7.57 -13.54 -8.99
C ALA B 28 7.12 -13.18 -7.58
N ASP B 29 6.18 -13.94 -7.03
CA ASP B 29 5.74 -13.71 -5.65
C ASP B 29 6.71 -14.34 -4.66
N LEU B 30 6.58 -13.96 -3.39
CA LEU B 30 7.26 -14.65 -2.31
C LEU B 30 6.83 -16.11 -2.24
N SER B 31 7.75 -16.97 -1.82
CA SER B 31 7.42 -18.33 -1.40
C SER B 31 6.83 -18.28 0.00
N PRO B 32 6.22 -19.37 0.48
CA PRO B 32 5.80 -19.34 1.87
C PRO B 32 6.95 -19.01 2.84
N ALA B 33 8.10 -19.62 2.60
CA ALA B 33 9.30 -19.33 3.38
C ALA B 33 9.72 -17.85 3.35
N GLY B 34 9.74 -17.24 2.16
CA GLY B 34 10.12 -15.85 2.04
C GLY B 34 9.14 -14.94 2.78
N HIS B 35 7.87 -15.33 2.75
CA HIS B 35 6.86 -14.56 3.44
C HIS B 35 7.09 -14.63 4.97
N GLU B 36 7.40 -15.83 5.45
CA GLU B 36 7.75 -15.99 6.86
C GLU B 36 8.97 -15.16 7.24
N GLU B 37 9.98 -15.11 6.36
CA GLU B 37 11.15 -14.27 6.63
C GLU B 37 10.71 -12.82 6.83
N ALA B 38 9.79 -12.36 5.98
CA ALA B 38 9.31 -10.97 6.14
C ALA B 38 8.57 -10.76 7.48
N LYS B 39 7.79 -11.76 7.89
CA LYS B 39 7.14 -11.68 9.21
C LYS B 39 8.16 -11.61 10.35
N ARG B 40 9.23 -12.38 10.24
CA ARG B 40 10.24 -12.37 11.30
C ARG B 40 10.96 -11.02 11.35
N GLY B 41 11.27 -10.47 10.19
CA GLY B 41 11.85 -9.13 10.14
C GLY B 41 10.92 -8.08 10.75
N GLY B 42 9.64 -8.16 10.41
CA GLY B 42 8.65 -7.24 10.95
C GLY B 42 8.55 -7.35 12.46
N GLN B 43 8.61 -8.58 12.97
CA GLN B 43 8.56 -8.78 14.41
C GLN B 43 9.80 -8.24 15.10
N ALA B 44 10.95 -8.35 14.44
CA ALA B 44 12.17 -7.75 14.98
C ALA B 44 12.03 -6.22 15.05
N LEU B 45 11.51 -5.61 14.00
CA LEU B 45 11.26 -4.17 14.04
C LEU B 45 10.24 -3.78 15.11
N ARG B 46 9.22 -4.63 15.30
CA ARG B 46 8.21 -4.40 16.33
C ARG B 46 8.80 -4.48 17.75
N ASP B 47 9.60 -5.50 17.97
CA ASP B 47 10.23 -5.70 19.27
C ASP B 47 11.18 -4.56 19.59
N ALA B 48 11.79 -3.97 18.57
CA ALA B 48 12.73 -2.88 18.79
C ALA B 48 12.05 -1.51 18.88
N GLY B 49 10.74 -1.48 18.64
CA GLY B 49 9.98 -0.24 18.81
C GLY B 49 10.15 0.78 17.69
N TYR B 50 10.50 0.31 16.50
CA TYR B 50 10.79 1.24 15.40
C TYR B 50 9.55 1.92 14.87
N GLU B 51 9.69 3.20 14.58
CA GLU B 51 8.61 3.97 13.96
C GLU B 51 9.09 4.57 12.65
N PHE B 52 8.21 4.58 11.66
CA PHE B 52 8.55 5.21 10.40
C PHE B 52 7.57 6.30 10.00
N ASP B 53 7.94 7.12 9.02
CA ASP B 53 7.08 8.18 8.51
C ASP B 53 6.75 8.02 7.03
N ILE B 54 7.59 7.29 6.30
CA ILE B 54 7.32 7.05 4.89
C ILE B 54 8.10 5.80 4.42
N CYS B 55 7.52 5.08 3.48
CA CYS B 55 8.10 3.83 2.96
C CYS B 55 8.31 3.88 1.47
N PHE B 56 9.42 3.33 0.99
CA PHE B 56 9.64 3.20 -0.45
C PHE B 56 9.82 1.73 -0.82
N THR B 57 9.29 1.36 -1.97
CA THR B 57 9.49 -0.01 -2.46
C THR B 57 9.48 0.00 -3.99
N SER B 58 9.68 -1.15 -4.61
CA SER B 58 9.69 -1.24 -6.06
C SER B 58 8.28 -1.41 -6.60
N VAL B 59 8.15 -1.80 -7.87
CA VAL B 59 6.82 -2.16 -8.38
C VAL B 59 6.71 -3.68 -8.53
N GLN B 60 7.58 -4.39 -7.83
CA GLN B 60 7.53 -5.85 -7.85
C GLN B 60 6.96 -6.43 -6.56
N LYS B 61 6.02 -7.35 -6.70
CA LYS B 61 5.25 -7.82 -5.54
C LYS B 61 6.08 -8.55 -4.48
N ARG B 62 7.22 -9.16 -4.79
CA ARG B 62 7.97 -9.82 -3.71
C ARG B 62 8.48 -8.79 -2.68
N ALA B 63 8.84 -7.61 -3.21
CA ALA B 63 9.22 -6.49 -2.34
C ALA B 63 8.01 -5.82 -1.68
N ILE B 64 6.96 -5.56 -2.46
CA ILE B 64 5.76 -4.91 -1.94
C ILE B 64 5.16 -5.75 -0.82
N ARG B 65 5.09 -7.07 -1.01
CA ARG B 65 4.52 -7.95 -0.01
C ARG B 65 5.43 -8.02 1.20
N THR B 66 6.73 -7.98 0.98
CA THR B 66 7.60 -7.84 2.16
C THR B 66 7.24 -6.59 2.98
N LEU B 67 7.08 -5.46 2.28
CA LEU B 67 6.73 -4.21 2.95
C LEU B 67 5.42 -4.32 3.70
N TRP B 68 4.38 -4.83 3.03
CA TRP B 68 3.08 -5.02 3.66
C TRP B 68 3.16 -5.86 4.92
N THR B 69 3.93 -6.95 4.81
CA THR B 69 4.12 -7.84 5.94
C THR B 69 4.77 -7.11 7.13
N VAL B 70 5.81 -6.34 6.84
CA VAL B 70 6.46 -5.56 7.89
C VAL B 70 5.50 -4.51 8.51
N LEU B 71 4.76 -3.79 7.68
CA LEU B 71 3.88 -2.73 8.18
C LEU B 71 2.77 -3.30 9.04
N ASP B 72 2.27 -4.46 8.64
CA ASP B 72 1.31 -5.23 9.43
C ASP B 72 1.92 -5.58 10.79
N ALA B 73 3.14 -6.11 10.79
CA ALA B 73 3.78 -6.51 12.04
C ALA B 73 4.03 -5.35 13.00
N ILE B 74 4.34 -4.17 12.47
CA ILE B 74 4.67 -3.05 13.34
C ILE B 74 3.48 -2.11 13.58
N ASP B 75 2.30 -2.52 13.10
CA ASP B 75 1.04 -1.78 13.22
C ASP B 75 1.17 -0.37 12.63
N GLN B 76 1.78 -0.28 11.45
CA GLN B 76 1.89 0.99 10.76
C GLN B 76 1.46 0.88 9.29
N MET B 77 0.36 0.18 9.07
CA MET B 77 -0.25 0.02 7.74
C MET B 77 -0.77 1.36 7.18
N TRP B 78 -0.97 2.31 8.08
CA TRP B 78 -1.44 3.63 7.68
C TRP B 78 -0.39 4.55 7.04
N LEU B 79 0.88 4.16 7.11
CA LEU B 79 1.96 4.99 6.55
C LEU B 79 1.86 5.22 5.05
N PRO B 80 2.32 6.40 4.60
CA PRO B 80 2.42 6.63 3.15
C PRO B 80 3.45 5.67 2.54
N VAL B 81 3.09 5.12 1.38
CA VAL B 81 3.94 4.19 0.67
C VAL B 81 4.17 4.71 -0.74
N VAL B 82 5.42 4.70 -1.19
CA VAL B 82 5.75 5.12 -2.55
C VAL B 82 6.42 3.96 -3.29
N ARG B 83 5.88 3.61 -4.46
CA ARG B 83 6.43 2.56 -5.32
C ARG B 83 7.18 3.16 -6.50
N THR B 84 8.31 2.57 -6.86
CA THR B 84 9.02 3.02 -8.07
C THR B 84 9.77 1.89 -8.79
N TRP B 85 9.69 1.89 -10.11
CA TRP B 85 10.46 0.92 -10.91
C TRP B 85 11.95 1.08 -10.70
N ARG B 86 12.38 2.26 -10.28
CA ARG B 86 13.80 2.49 -10.09
C ARG B 86 14.39 1.65 -8.95
N LEU B 87 13.54 1.10 -8.08
CA LEU B 87 14.05 0.20 -7.02
C LEU B 87 13.89 -1.28 -7.39
N ASN B 88 13.45 -1.54 -8.62
CA ASN B 88 13.33 -2.93 -9.11
C ASN B 88 14.63 -3.71 -9.03
N GLU B 89 14.50 -5.04 -8.93
CA GLU B 89 15.66 -5.92 -9.10
C GLU B 89 16.38 -5.62 -10.41
N ARG B 90 17.66 -6.00 -10.47
CA ARG B 90 18.44 -5.95 -11.70
C ARG B 90 17.69 -6.69 -12.81
N HIS B 91 17.70 -6.13 -14.02
CA HIS B 91 17.05 -6.74 -15.18
C HIS B 91 18.00 -7.74 -15.84
N TYR B 92 17.64 -9.03 -15.85
CA TYR B 92 18.59 -10.06 -16.30
C TYR B 92 18.46 -10.39 -17.78
N GLY B 93 17.71 -9.57 -18.51
CA GLY B 93 17.64 -9.66 -19.95
C GLY B 93 17.25 -11.05 -20.44
N GLY B 94 17.93 -11.54 -21.45
CA GLY B 94 17.63 -12.84 -22.02
C GLY B 94 17.72 -14.01 -21.05
N LEU B 95 18.45 -13.84 -19.95
CA LEU B 95 18.54 -14.92 -18.97
C LEU B 95 17.24 -15.07 -18.18
N THR B 96 16.38 -14.06 -18.25
CA THR B 96 15.12 -14.11 -17.52
C THR B 96 14.31 -15.34 -17.84
N GLY B 97 13.92 -16.08 -16.82
CA GLY B 97 13.11 -17.27 -17.00
C GLY B 97 13.91 -18.56 -17.07
N LEU B 98 15.22 -18.44 -17.31
CA LEU B 98 16.05 -19.65 -17.43
C LEU B 98 16.53 -20.07 -16.05
N ASN B 99 16.64 -21.38 -15.85
CA ASN B 99 17.27 -21.88 -14.63
C ASN B 99 18.79 -22.00 -14.78
N LYS B 100 19.44 -22.44 -13.72
CA LYS B 100 20.90 -22.53 -13.67
C LYS B 100 21.45 -23.46 -14.77
N ALA B 101 20.82 -24.61 -14.91
CA ALA B 101 21.25 -25.60 -15.90
C ALA B 101 21.12 -25.07 -17.29
N GLU B 102 19.97 -24.48 -17.62
CA GLU B 102 19.74 -24.00 -18.98
C GLU B 102 20.73 -22.91 -19.34
N THR B 103 21.06 -22.10 -18.35
CA THR B 103 21.99 -20.99 -18.54
C THR B 103 23.38 -21.51 -18.84
N ALA B 104 23.88 -22.44 -18.02
CA ALA B 104 25.19 -23.02 -18.27
C ALA B 104 25.23 -23.84 -19.57
N ALA B 105 24.13 -24.53 -19.86
CA ALA B 105 24.03 -25.31 -21.10
C ALA B 105 24.15 -24.42 -22.33
N LYS B 106 23.43 -23.29 -22.32
CA LYS B 106 23.41 -22.43 -23.49
C LYS B 106 24.66 -21.55 -23.61
N HIS B 107 25.18 -21.08 -22.49
CA HIS B 107 26.25 -20.08 -22.56
C HIS B 107 27.61 -20.56 -22.07
N GLY B 108 27.64 -21.69 -21.38
CA GLY B 108 28.91 -22.22 -20.92
C GLY B 108 29.27 -21.65 -19.57
N GLU B 109 30.10 -22.39 -18.84
CA GLU B 109 30.49 -22.03 -17.49
C GLU B 109 31.35 -20.76 -17.46
N ALA B 110 32.21 -20.60 -18.45
CA ALA B 110 33.12 -19.46 -18.47
C ALA B 110 32.34 -18.16 -18.56
N GLN B 111 31.35 -18.11 -19.45
CA GLN B 111 30.55 -16.90 -19.69
C GLN B 111 29.68 -16.54 -18.49
N VAL B 112 29.11 -17.56 -17.87
CA VAL B 112 28.37 -17.35 -16.64
C VAL B 112 29.30 -16.84 -15.55
N LYS B 113 30.54 -17.34 -15.55
CA LYS B 113 31.56 -16.94 -14.60
C LYS B 113 31.91 -15.44 -14.77
N ILE B 114 32.05 -15.04 -16.03
CA ILE B 114 32.29 -13.65 -16.40
C ILE B 114 31.14 -12.74 -15.99
N TRP B 115 29.90 -13.13 -16.31
CA TRP B 115 28.74 -12.30 -15.99
C TRP B 115 28.62 -12.19 -14.48
N ARG B 116 28.79 -13.32 -13.79
CA ARG B 116 28.72 -13.39 -12.34
C ARG B 116 29.57 -12.35 -11.59
N ARG B 117 30.82 -12.19 -12.02
CA ARG B 117 31.78 -11.35 -11.31
C ARG B 117 31.97 -9.98 -11.93
N SER B 118 31.16 -9.66 -12.94
CA SER B 118 31.39 -8.42 -13.64
C SER B 118 30.47 -7.31 -13.12
N TYR B 119 31.03 -6.12 -12.99
CA TYR B 119 30.27 -4.98 -12.50
C TYR B 119 29.59 -4.33 -13.67
N ASP B 120 30.21 -4.45 -14.85
CA ASP B 120 29.76 -3.67 -16.00
C ASP B 120 29.47 -4.45 -17.28
N VAL B 121 29.54 -5.78 -17.24
CA VAL B 121 29.12 -6.53 -18.43
C VAL B 121 27.69 -6.98 -18.25
N PRO B 122 26.83 -6.55 -19.16
CA PRO B 122 25.43 -6.97 -19.09
C PRO B 122 25.25 -8.38 -19.65
N PRO B 123 24.16 -9.05 -19.24
CA PRO B 123 23.75 -10.31 -19.86
C PRO B 123 23.12 -10.00 -21.21
N PRO B 124 22.82 -11.03 -22.03
CA PRO B 124 22.22 -10.73 -23.34
C PRO B 124 20.90 -10.01 -23.20
N PRO B 125 20.52 -9.23 -24.23
CA PRO B 125 19.26 -8.48 -24.20
C PRO B 125 18.02 -9.38 -24.29
N MET B 126 16.93 -8.94 -23.65
CA MET B 126 15.65 -9.60 -23.80
C MET B 126 15.01 -9.12 -25.09
N GLU B 127 15.01 -10.00 -26.11
CA GLU B 127 14.52 -9.64 -27.44
C GLU B 127 13.01 -9.88 -27.58
N PRO B 128 12.39 -9.35 -28.65
CA PRO B 128 10.94 -9.51 -28.77
C PRO B 128 10.43 -10.96 -28.81
N ASP B 129 11.26 -11.92 -29.23
CA ASP B 129 10.81 -13.32 -29.27
C ASP B 129 11.02 -14.04 -27.93
N HIS B 130 11.55 -13.33 -26.93
CA HIS B 130 11.77 -13.94 -25.62
C HIS B 130 10.42 -14.28 -24.98
N PRO B 131 10.35 -15.42 -24.26
CA PRO B 131 9.07 -15.85 -23.70
C PRO B 131 8.40 -14.87 -22.74
N PHE B 132 9.19 -14.04 -22.06
CA PHE B 132 8.62 -13.07 -21.12
C PHE B 132 8.68 -11.64 -21.62
N TYR B 133 8.95 -11.47 -22.91
CA TYR B 133 9.13 -10.14 -23.47
C TYR B 133 7.87 -9.30 -23.29
N SER B 134 6.72 -9.81 -23.70
CA SER B 134 5.52 -8.98 -23.55
C SER B 134 5.13 -8.92 -22.08
N ASN B 135 5.32 -10.01 -21.36
CA ASN B 135 5.02 -10.05 -19.93
C ASN B 135 5.70 -8.91 -19.15
N ILE B 136 6.95 -8.60 -19.49
CA ILE B 136 7.69 -7.55 -18.80
C ILE B 136 7.71 -6.21 -19.55
N SER B 137 8.25 -6.23 -20.76
CA SER B 137 8.45 -5.00 -21.53
C SER B 137 7.16 -4.32 -21.92
N LYS B 138 6.09 -5.08 -22.04
CA LYS B 138 4.82 -4.49 -22.43
C LYS B 138 3.86 -4.35 -21.24
N ASP B 139 4.35 -4.60 -20.03
CA ASP B 139 3.51 -4.43 -18.86
C ASP B 139 3.20 -2.95 -18.69
N ARG B 140 1.92 -2.65 -18.49
CA ARG B 140 1.47 -1.26 -18.42
C ARG B 140 2.09 -0.48 -17.26
N ARG B 141 2.65 -1.16 -16.26
CA ARG B 141 3.24 -0.44 -15.13
C ARG B 141 4.48 0.35 -15.56
N TYR B 142 5.03 0.01 -16.74
CA TYR B 142 6.19 0.72 -17.29
C TYR B 142 5.83 1.63 -18.46
N ALA B 143 4.54 1.93 -18.62
CA ALA B 143 4.08 2.67 -19.80
C ALA B 143 4.58 4.12 -19.84
N ASP B 144 4.89 4.67 -18.67
CA ASP B 144 5.43 6.03 -18.57
C ASP B 144 6.95 6.10 -18.70
N LEU B 145 7.63 4.97 -18.88
CA LEU B 145 9.08 5.01 -19.08
C LEU B 145 9.39 5.42 -20.51
N THR B 146 10.47 6.17 -20.70
CA THR B 146 10.93 6.50 -22.04
C THR B 146 11.65 5.29 -22.63
N GLU B 147 11.94 5.32 -23.93
CA GLU B 147 12.66 4.22 -24.58
C GLU B 147 14.00 3.89 -23.92
N ASP B 148 14.75 4.92 -23.56
CA ASP B 148 16.06 4.73 -22.95
C ASP B 148 15.98 4.25 -21.52
N GLN B 149 14.82 4.45 -20.90
CA GLN B 149 14.68 4.09 -19.49
C GLN B 149 14.35 2.62 -19.33
N LEU B 150 13.57 2.09 -20.26
CA LEU B 150 13.14 0.71 -20.19
C LEU B 150 14.25 -0.19 -20.70
N PRO B 151 14.87 -0.96 -19.78
CA PRO B 151 16.03 -1.78 -20.10
C PRO B 151 15.64 -3.07 -20.81
N SER B 152 16.56 -3.57 -21.62
CA SER B 152 16.43 -4.89 -22.22
C SER B 152 17.31 -5.85 -21.44
N CYS B 153 18.19 -5.27 -20.63
CA CYS B 153 19.17 -6.02 -19.83
C CYS B 153 19.91 -5.01 -19.00
N GLU B 154 20.47 -5.44 -17.88
CA GLU B 154 21.26 -4.55 -17.06
C GLU B 154 22.49 -5.21 -16.54
N SER B 155 23.62 -4.50 -16.61
CA SER B 155 24.75 -4.80 -15.75
C SER B 155 24.40 -4.30 -14.34
N LEU B 156 25.20 -4.65 -13.35
CA LEU B 156 24.97 -4.11 -12.01
C LEU B 156 25.11 -2.59 -12.04
N LYS B 157 26.09 -2.12 -12.81
CA LYS B 157 26.29 -0.69 -13.01
C LYS B 157 25.04 0.02 -13.54
N ASP B 158 24.37 -0.56 -14.54
CA ASP B 158 23.10 -0.03 -15.03
C ASP B 158 22.06 0.09 -13.90
N THR B 159 21.93 -0.99 -13.14
CA THR B 159 20.96 -1.05 -12.06
C THR B 159 21.21 0.09 -11.08
N ILE B 160 22.45 0.23 -10.64
CA ILE B 160 22.81 1.27 -9.68
C ILE B 160 22.50 2.62 -10.27
N ALA B 161 22.85 2.77 -11.55
CA ALA B 161 22.70 4.02 -12.26
C ALA B 161 21.26 4.48 -12.33
N ARG B 162 20.31 3.55 -12.41
CA ARG B 162 18.92 4.02 -12.45
C ARG B 162 18.28 4.03 -11.06
N ALA B 163 18.89 3.37 -10.08
CA ALA B 163 18.38 3.46 -8.72
C ALA B 163 18.75 4.79 -8.04
N LEU B 164 19.98 5.22 -8.24
CA LEU B 164 20.47 6.36 -7.46
C LEU B 164 19.77 7.71 -7.74
N PRO B 165 19.31 7.98 -8.98
CA PRO B 165 18.46 9.16 -9.18
C PRO B 165 17.26 9.22 -8.25
N PHE B 166 16.59 8.09 -8.03
CA PHE B 166 15.45 8.08 -7.13
C PHE B 166 15.89 8.35 -5.72
N TRP B 167 17.00 7.73 -5.32
CA TRP B 167 17.59 7.99 -4.03
C TRP B 167 17.86 9.47 -3.81
N ASN B 168 18.58 10.08 -4.76
CA ASN B 168 18.97 11.47 -4.63
C ASN B 168 17.78 12.43 -4.70
N GLU B 169 16.87 12.18 -5.63
CA GLU B 169 15.78 13.12 -5.88
C GLU B 169 14.56 12.95 -4.96
N GLU B 170 14.27 11.71 -4.54
CA GLU B 170 13.02 11.54 -3.77
C GLU B 170 13.21 11.04 -2.34
N ILE B 171 14.25 10.27 -2.06
CA ILE B 171 14.42 9.73 -0.71
C ILE B 171 15.27 10.67 0.15
N VAL B 172 16.39 11.13 -0.39
CA VAL B 172 17.26 12.03 0.36
C VAL B 172 16.52 13.26 0.92
N PRO B 173 15.70 13.96 0.09
CA PRO B 173 14.97 15.11 0.61
C PRO B 173 14.05 14.75 1.76
N GLN B 174 13.44 13.57 1.73
CA GLN B 174 12.57 13.15 2.81
C GLN B 174 13.35 12.90 4.10
N ILE B 175 14.54 12.32 3.97
CA ILE B 175 15.34 12.06 5.16
C ILE B 175 15.76 13.38 5.84
N LYS B 176 16.17 14.36 5.04
CA LYS B 176 16.61 15.65 5.56
C LYS B 176 15.43 16.49 6.06
N GLU B 177 14.22 16.13 5.64
CA GLU B 177 13.00 16.71 6.22
C GLU B 177 12.66 16.09 7.56
N GLY B 178 13.45 15.12 7.99
CA GLY B 178 13.27 14.46 9.27
C GLY B 178 12.39 13.22 9.25
N LYS B 179 11.94 12.82 8.06
CA LYS B 179 11.14 11.59 7.92
C LYS B 179 11.96 10.34 8.18
N ARG B 180 11.39 9.42 8.96
CA ARG B 180 12.04 8.15 9.23
C ARG B 180 11.66 7.17 8.10
N VAL B 181 12.65 6.82 7.30
CA VAL B 181 12.44 6.09 6.06
C VAL B 181 12.65 4.57 6.22
N LEU B 182 11.71 3.83 5.63
CA LEU B 182 11.86 2.38 5.46
C LEU B 182 11.92 2.07 3.96
N ILE B 183 12.95 1.35 3.50
CA ILE B 183 13.00 0.93 2.11
C ILE B 183 12.94 -0.58 2.03
N ALA B 184 11.93 -1.12 1.34
CA ALA B 184 11.83 -2.57 1.15
C ALA B 184 12.09 -2.87 -0.31
N ALA B 185 13.23 -3.45 -0.63
CA ALA B 185 13.52 -3.64 -2.05
C ALA B 185 14.31 -4.91 -2.32
N HIS B 186 15.22 -4.84 -3.29
CA HIS B 186 15.87 -6.05 -3.81
C HIS B 186 17.38 -5.97 -3.62
N GLY B 187 18.05 -7.12 -3.70
CA GLY B 187 19.50 -7.18 -3.52
C GLY B 187 20.31 -6.12 -4.26
N ASN B 188 20.09 -6.03 -5.56
CA ASN B 188 20.94 -5.14 -6.36
C ASN B 188 20.56 -3.63 -6.30
N SER B 189 19.29 -3.31 -6.13
CA SER B 189 18.94 -1.89 -5.97
C SER B 189 19.43 -1.37 -4.61
N LEU B 190 19.27 -2.22 -3.59
CA LEU B 190 19.77 -1.89 -2.27
C LEU B 190 21.29 -1.82 -2.27
N ARG B 191 21.92 -2.66 -3.08
CA ARG B 191 23.35 -2.58 -3.30
C ARG B 191 23.70 -1.18 -3.76
N GLY B 192 22.91 -0.66 -4.71
CA GLY B 192 23.13 0.69 -5.18
C GLY B 192 23.10 1.73 -4.05
N ILE B 193 22.09 1.60 -3.19
CA ILE B 193 22.01 2.54 -2.07
C ILE B 193 23.20 2.41 -1.11
N VAL B 194 23.55 1.18 -0.75
CA VAL B 194 24.66 0.93 0.18
C VAL B 194 25.99 1.42 -0.40
N LYS B 195 26.18 1.18 -1.68
CA LYS B 195 27.39 1.63 -2.38
C LYS B 195 27.51 3.14 -2.31
N HIS B 196 26.42 3.85 -2.57
CA HIS B 196 26.48 5.30 -2.48
C HIS B 196 26.73 5.77 -1.03
N LEU B 197 26.05 5.14 -0.07
CA LEU B 197 26.17 5.53 1.34
C LEU B 197 27.57 5.36 1.93
N GLU B 198 28.19 4.22 1.64
CA GLU B 198 29.45 3.85 2.27
C GLU B 198 30.66 4.18 1.40
N GLY B 199 30.41 4.69 0.20
CA GLY B 199 31.47 4.99 -0.75
C GLY B 199 32.29 3.76 -1.11
N LEU B 200 31.62 2.66 -1.42
CA LEU B 200 32.33 1.41 -1.68
C LEU B 200 32.79 1.30 -3.12
N SER B 201 33.83 0.49 -3.32
CA SER B 201 34.35 0.22 -4.65
C SER B 201 33.46 -0.79 -5.36
N GLU B 202 33.68 -0.96 -6.66
CA GLU B 202 32.92 -1.90 -7.46
C GLU B 202 33.15 -3.32 -6.95
N GLU B 203 34.40 -3.58 -6.58
CA GLU B 203 34.82 -4.87 -6.09
C GLU B 203 34.12 -5.18 -4.77
N ALA B 204 34.16 -4.21 -3.87
CA ALA B 204 33.54 -4.37 -2.57
C ALA B 204 32.03 -4.58 -2.70
N ILE B 205 31.39 -3.79 -3.55
CA ILE B 205 29.93 -3.89 -3.66
C ILE B 205 29.58 -5.24 -4.29
N MET B 206 30.44 -5.77 -5.16
CA MET B 206 30.16 -7.07 -5.75
C MET B 206 30.37 -8.19 -4.75
N GLU B 207 31.20 -7.95 -3.73
CA GLU B 207 31.37 -8.94 -2.66
C GLU B 207 30.31 -8.85 -1.56
N LEU B 208 29.47 -7.82 -1.63
CA LEU B 208 28.48 -7.60 -0.58
C LEU B 208 27.19 -8.36 -0.85
N ASN B 209 26.81 -9.24 0.06
CA ASN B 209 25.55 -9.94 -0.06
C ASN B 209 24.65 -9.62 1.14
N LEU B 210 23.64 -8.80 0.92
CA LEU B 210 22.77 -8.40 2.00
C LEU B 210 21.87 -9.55 2.43
N PRO B 211 21.74 -9.75 3.75
CA PRO B 211 20.90 -10.84 4.23
C PRO B 211 19.43 -10.54 3.92
N THR B 212 18.63 -11.58 3.75
CA THR B 212 17.23 -11.39 3.37
C THR B 212 16.34 -11.41 4.60
N GLY B 213 15.26 -10.65 4.54
CA GLY B 213 14.26 -10.64 5.59
C GLY B 213 14.72 -10.04 6.91
N ILE B 214 15.88 -9.38 6.89
CA ILE B 214 16.50 -8.84 8.09
C ILE B 214 16.57 -7.33 8.01
N PRO B 215 16.03 -6.61 9.02
CA PRO B 215 16.16 -5.15 8.96
C PRO B 215 17.63 -4.73 9.03
N ILE B 216 18.03 -3.87 8.11
CA ILE B 216 19.36 -3.31 8.06
C ILE B 216 19.29 -1.85 8.51
N VAL B 217 19.97 -1.53 9.60
CA VAL B 217 19.86 -0.19 10.21
C VAL B 217 21.10 0.66 9.97
N TYR B 218 20.90 1.85 9.41
CA TYR B 218 21.96 2.84 9.28
C TYR B 218 21.71 4.02 10.22
N GLU B 219 22.77 4.48 10.87
CA GLU B 219 22.73 5.74 11.62
C GLU B 219 23.53 6.75 10.83
N LEU B 220 22.87 7.83 10.42
CA LEU B 220 23.44 8.79 9.50
C LEU B 220 23.57 10.18 10.11
N ASP B 221 24.63 10.90 9.72
CA ASP B 221 24.76 12.30 10.12
C ASP B 221 23.94 13.12 9.13
N LYS B 222 23.93 14.45 9.31
CA LYS B 222 23.06 15.33 8.51
C LYS B 222 23.44 15.39 7.04
N ASN B 223 24.62 14.89 6.72
CA ASN B 223 25.06 14.80 5.33
C ASN B 223 24.81 13.41 4.78
N LEU B 224 24.20 12.56 5.62
CA LEU B 224 23.80 11.20 5.27
C LEU B 224 25.00 10.28 5.12
N LYS B 225 26.02 10.54 5.92
CA LYS B 225 27.17 9.66 6.01
C LYS B 225 26.98 8.78 7.23
N PRO B 226 27.12 7.45 7.03
CA PRO B 226 27.00 6.53 8.16
C PRO B 226 28.02 6.86 9.23
N ILE B 227 27.63 6.75 10.50
CA ILE B 227 28.55 7.01 11.61
C ILE B 227 29.10 5.71 12.18
N LYS B 228 28.60 4.59 11.67
CA LYS B 228 29.05 3.28 12.11
C LYS B 228 28.64 2.25 11.08
N PRO B 229 29.15 1.01 11.20
CA PRO B 229 28.71 -0.02 10.25
C PRO B 229 27.21 -0.28 10.31
N MET B 230 26.65 -0.77 9.22
CA MET B 230 25.26 -1.19 9.18
C MET B 230 25.02 -2.23 10.28
N GLN B 231 23.84 -2.19 10.89
CA GLN B 231 23.52 -3.19 11.91
C GLN B 231 22.31 -4.01 11.51
N PHE B 232 22.35 -5.28 11.90
CA PHE B 232 21.26 -6.17 11.59
C PHE B 232 20.42 -6.30 12.82
N LEU B 233 19.11 -6.34 12.62
CA LEU B 233 18.19 -6.37 13.74
C LEU B 233 17.61 -7.77 13.88
N GLY B 234 17.51 -8.26 15.12
CA GLY B 234 16.89 -9.54 15.36
C GLY B 234 17.48 -10.29 16.55
N ASP B 235 17.07 -11.54 16.71
CA ASP B 235 17.66 -12.42 17.72
C ASP B 235 19.09 -12.86 17.39
CL CL C . 0.25 0.13 0.11
C2 AZN D . -27.34 4.96 13.83
C3 AZN D . -26.25 6.69 15.08
C4 AZN D . -27.89 4.43 14.99
C5 AZN D . -27.61 4.37 12.60
C8 AZN D . -27.61 5.03 16.21
C9 AZN D . -28.70 3.29 14.92
C10 AZN D . -28.41 3.25 12.52
C11 AZN D . -26.49 6.80 17.46
C12 AZN D . -25.13 8.45 16.28
C14 AZN D . -25.66 7.93 17.46
C13 AZN D . -28.96 2.70 13.68
C1 AZN D . -26.53 6.08 13.86
C6 AZN D . -26.79 6.17 16.25
C7 AZN D . -25.43 7.82 15.09
O6 AZN D . -29.15 0.13 12.95
O4 AZN D . -30.52 0.90 14.92
O3 AZN D . -28.67 2.67 11.31
O1 AZN D . -27.08 4.90 11.46
O5 AZN D . -31.15 1.59 12.57
O AZN D . -26.06 6.54 12.82
O2 AZN D . -28.08 4.57 17.25
S1 AZN D . -29.98 1.28 13.53
C2 AZN E . 25.56 -13.85 -10.10
C3 AZN E . 25.11 -13.07 -12.32
C4 AZN E . 25.47 -15.16 -10.54
C5 AZN E . 25.83 -13.61 -8.75
C8 AZN E . 25.19 -15.45 -11.88
C9 AZN E . 25.64 -16.23 -9.66
C10 AZN E . 26.00 -14.66 -7.87
C11 AZN E . 24.74 -14.67 -14.10
C12 AZN E . 24.65 -12.30 -14.55
C14 AZN E . 24.56 -13.62 -14.99
C13 AZN E . 25.91 -15.97 -8.33
C1 AZN E . 25.38 -12.79 -10.99
C6 AZN E . 25.02 -14.40 -12.76
C7 AZN E . 24.93 -12.03 -13.22
O6 AZN E . 25.97 -18.54 -8.16
O4 AZN E . 27.53 -17.20 -6.70
O3 AZN E . 26.27 -14.41 -6.56
O1 AZN E . 25.93 -12.32 -8.28
O5 AZN E . 25.06 -17.22 -6.21
O AZN E . 25.46 -11.62 -10.60
O2 AZN E . 25.12 -16.62 -12.24
S1 AZN E . 26.12 -17.27 -7.32
O1 MES F . 22.78 -14.02 -8.98
C2 MES F . 21.75 -14.44 -9.87
C3 MES F . 20.41 -14.72 -9.16
N4 MES F . 20.22 -13.61 -8.23
C5 MES F . 21.26 -13.30 -7.25
C6 MES F . 22.48 -14.16 -7.59
C7 MES F . 18.86 -13.20 -7.89
C8 MES F . 18.09 -13.34 -9.20
S MES F . 16.46 -13.15 -8.96
O1S MES F . 16.04 -13.03 -7.54
O2S MES F . 16.00 -11.96 -9.70
O3S MES F . 15.86 -14.38 -9.52
#